data_1GXO
#
_entry.id   1GXO
#
_cell.length_a   105.428
_cell.length_b   54.917
_cell.length_c   47.185
_cell.angle_alpha   90.00
_cell.angle_beta   90.00
_cell.angle_gamma   90.00
#
_symmetry.space_group_name_H-M   'P 21 21 2'
#
loop_
_entity.id
_entity.type
_entity.pdbx_description
1 polymer 'PECTATE LYASE'
2 branched 'alpha-D-galactopyranuronic acid-(1-4)-alpha-D-galactopyranuronic acid-(1-4)-alpha-D-galactopyranuronic acid'
3 non-polymer 'CALCIUM ION'
4 water water
#
_entity_poly.entity_id   1
_entity_poly.type   'polypeptide(L)'
_entity_poly.pdbx_seq_one_letter_code
;GLVPRGSHMTGRMLTLDGNPAANWLNNARTKWSASRADVVLSYQQNNGGWPKNLDYNSVGNGGGGNESGTIANGATITEM
VFLAEVYKSGGNTKYRDAVRKAANFLVNSQYSTGALPQFYPLKGGYSDHATFNDNGMAYALTVLDFAANKRAPFDTDVFS
DNDRTRFKTAVTKGTDYILKAQWKQNGVLTVWCAQHGALDYQPKKARAYELESLSGSESVGVLAFLMTQPQTAEIEQAVR
AGVAWFNSPRTYLEGYTYDSSLAATNPIVPRAGSKMWYRFYDLNTNRGFFSDRDGSKFYDITQMSLERRTGYSWGGNYGT
SIINFAQKVGYL
;
_entity_poly.pdbx_strand_id   A
#
loop_
_chem_comp.id
_chem_comp.type
_chem_comp.name
_chem_comp.formula
ADA D-saccharide, alpha linking 'alpha-D-galactopyranuronic acid' 'C6 H10 O7'
CA non-polymer 'CALCIUM ION' 'Ca 2'
#
# COMPACT_ATOMS: atom_id res chain seq x y z
N ARG A 12 17.14 13.80 11.65
CA ARG A 12 16.54 12.43 11.64
C ARG A 12 15.56 12.28 10.46
N MET A 13 15.47 13.31 9.63
CA MET A 13 14.62 13.29 8.43
C MET A 13 15.38 12.88 7.18
N LEU A 14 14.78 11.99 6.40
CA LEU A 14 15.35 11.61 5.12
C LEU A 14 14.66 12.35 3.99
N THR A 15 15.40 12.53 2.90
CA THR A 15 14.86 13.13 1.68
C THR A 15 13.65 12.34 1.17
N LEU A 16 12.77 13.05 0.47
CA LEU A 16 11.60 12.45 -0.13
C LEU A 16 11.91 12.12 -1.59
N ASP A 17 13.06 12.59 -2.07
CA ASP A 17 13.44 12.42 -3.46
C ASP A 17 13.81 10.99 -3.64
N GLY A 18 13.02 10.26 -4.41
CA GLY A 18 13.27 8.86 -4.68
C GLY A 18 12.48 7.91 -3.80
N ASN A 19 11.82 8.45 -2.77
CA ASN A 19 10.93 7.63 -1.93
C ASN A 19 9.75 7.10 -2.75
N PRO A 20 9.65 5.79 -2.86
CA PRO A 20 8.61 5.17 -3.71
C PRO A 20 7.18 5.63 -3.34
N ALA A 21 6.90 5.90 -2.06
CA ALA A 21 5.58 6.37 -1.63
C ALA A 21 5.35 7.81 -2.08
N ALA A 22 6.33 8.67 -1.82
CA ALA A 22 6.28 10.04 -2.31
C ALA A 22 6.09 10.06 -3.81
N ASN A 23 6.79 9.19 -4.55
CA ASN A 23 6.63 9.11 -6.00
C ASN A 23 5.22 8.72 -6.37
N TRP A 24 4.69 7.69 -5.69
CA TRP A 24 3.30 7.33 -5.93
C TRP A 24 2.38 8.55 -5.78
N LEU A 25 2.53 9.27 -4.67
CA LEU A 25 1.66 10.40 -4.34
C LEU A 25 1.78 11.55 -5.37
N ASN A 26 3.01 11.90 -5.73
CA ASN A 26 3.16 12.98 -6.70
C ASN A 26 2.60 12.63 -8.07
N ASN A 27 2.76 11.37 -8.48
CA ASN A 27 2.11 10.86 -9.70
C ASN A 27 0.59 10.90 -9.67
N ALA A 28 0.01 10.46 -8.56
CA ALA A 28 -1.42 10.50 -8.36
C ALA A 28 -2.02 11.92 -8.54
N ARG A 29 -1.24 12.96 -8.25
CA ARG A 29 -1.72 14.33 -8.44
C ARG A 29 -2.18 14.63 -9.88
N THR A 30 -1.59 13.93 -10.86
CA THR A 30 -1.87 14.19 -12.27
C THR A 30 -2.22 12.89 -12.99
N LYS A 31 -2.83 11.94 -12.28
CA LYS A 31 -3.05 10.61 -12.84
C LYS A 31 -4.02 10.62 -14.03
N TRP A 32 -5.02 11.49 -13.99
CA TRP A 32 -5.95 11.65 -15.12
C TRP A 32 -5.94 13.08 -15.59
N SER A 33 -6.64 13.32 -16.70
CA SER A 33 -6.82 14.66 -17.20
C SER A 33 -7.66 15.45 -16.19
N ALA A 34 -7.35 16.73 -16.06
CA ALA A 34 -8.12 17.59 -15.16
C ALA A 34 -9.59 17.61 -15.55
N SER A 35 -9.87 17.39 -16.83
CA SER A 35 -11.23 17.41 -17.34
C SER A 35 -12.10 16.31 -16.73
N ARG A 36 -11.44 15.30 -16.15
CA ARG A 36 -12.14 14.20 -15.53
C ARG A 36 -12.39 14.36 -14.02
N ALA A 37 -12.04 15.51 -13.47
CA ALA A 37 -12.25 15.74 -12.04
C ALA A 37 -13.71 15.50 -11.62
N ASP A 38 -14.65 15.92 -12.48
CA ASP A 38 -16.08 15.83 -12.21
C ASP A 38 -16.57 14.38 -12.24
N VAL A 39 -16.00 13.56 -13.11
CA VAL A 39 -16.36 12.15 -13.13
C VAL A 39 -15.74 11.42 -11.92
N VAL A 40 -14.50 11.75 -11.60
CA VAL A 40 -13.91 11.22 -10.37
C VAL A 40 -14.84 11.55 -9.21
N LEU A 41 -15.18 12.84 -9.09
CA LEU A 41 -16.04 13.33 -8.02
C LEU A 41 -17.37 12.60 -7.99
N SER A 42 -17.89 12.28 -9.17
CA SER A 42 -19.23 11.69 -9.26
C SER A 42 -19.31 10.32 -8.61
N TYR A 43 -18.17 9.69 -8.34
CA TYR A 43 -18.15 8.37 -7.71
C TYR A 43 -18.00 8.35 -6.19
N GLN A 44 -17.68 9.49 -5.59
CA GLN A 44 -17.48 9.56 -4.15
C GLN A 44 -18.77 9.19 -3.42
N GLN A 45 -18.66 8.24 -2.50
CA GLN A 45 -19.77 7.84 -1.66
C GLN A 45 -20.02 8.94 -0.61
N ASN A 46 -21.12 8.82 0.13
CA ASN A 46 -21.50 9.85 1.10
C ASN A 46 -20.62 9.86 2.32
N ASN A 47 -20.04 8.70 2.62
CA ASN A 47 -19.13 8.57 3.74
C ASN A 47 -17.76 9.16 3.45
N GLY A 48 -17.52 9.48 2.16
CA GLY A 48 -16.33 10.20 1.74
C GLY A 48 -15.31 9.33 1.05
N GLY A 49 -15.51 8.01 1.09
CA GLY A 49 -14.65 7.08 0.38
C GLY A 49 -15.22 6.70 -0.98
N TRP A 50 -14.36 6.16 -1.84
CA TRP A 50 -14.76 5.70 -3.17
C TRP A 50 -15.14 4.21 -3.15
N PRO A 51 -16.16 3.81 -3.91
CA PRO A 51 -16.77 2.46 -3.77
C PRO A 51 -15.93 1.31 -4.32
N LYS A 52 -14.91 1.65 -5.11
CA LYS A 52 -14.03 0.67 -5.76
C LYS A 52 -13.03 1.38 -6.66
N ASN A 53 -11.97 0.67 -7.05
CA ASN A 53 -11.03 1.19 -8.04
C ASN A 53 -11.67 1.28 -9.43
N LEU A 54 -11.40 2.38 -10.15
CA LEU A 54 -12.07 2.65 -11.43
C LEU A 54 -11.15 3.29 -12.45
N ASP A 55 -11.45 3.05 -13.72
CA ASP A 55 -10.74 3.65 -14.83
C ASP A 55 -11.51 4.90 -15.25
N TYR A 56 -11.16 6.04 -14.65
CA TYR A 56 -11.85 7.30 -14.92
C TYR A 56 -11.63 7.81 -16.34
N ASN A 57 -10.93 7.02 -17.14
CA ASN A 57 -10.76 7.32 -18.56
C ASN A 57 -11.75 6.61 -19.46
N SER A 58 -12.35 5.54 -18.96
CA SER A 58 -13.35 4.80 -19.76
C SER A 58 -14.80 4.86 -19.25
N VAL A 59 -15.00 5.05 -17.95
CA VAL A 59 -16.34 4.99 -17.35
C VAL A 59 -17.21 6.22 -17.60
N GLY A 60 -18.52 6.02 -17.54
CA GLY A 60 -19.48 7.10 -17.52
C GLY A 60 -19.58 7.70 -16.12
N ASN A 61 -20.42 8.72 -15.99
CA ASN A 61 -20.59 9.39 -14.71
C ASN A 61 -21.29 8.51 -13.69
N GLY A 62 -20.87 8.62 -12.43
CA GLY A 62 -21.46 7.86 -11.35
C GLY A 62 -22.60 8.62 -10.73
N GLY A 63 -23.23 8.06 -9.70
CA GLY A 63 -24.26 8.80 -8.99
C GLY A 63 -24.07 8.80 -7.48
N GLY A 64 -22.82 8.98 -7.04
CA GLY A 64 -22.52 8.91 -5.62
C GLY A 64 -22.95 7.58 -5.04
N GLY A 65 -23.61 7.60 -3.89
CA GLY A 65 -24.02 6.37 -3.23
C GLY A 65 -23.73 6.28 -1.75
N ASN A 66 -24.16 5.17 -1.15
CA ASN A 66 -24.05 4.97 0.29
C ASN A 66 -23.33 3.70 0.65
N GLU A 67 -22.55 3.17 -0.27
CA GLU A 67 -21.82 1.94 -0.02
C GLU A 67 -20.54 2.18 0.81
N SER A 68 -19.94 1.10 1.31
CA SER A 68 -18.65 1.22 1.98
C SER A 68 -17.60 1.83 1.06
N GLY A 69 -16.74 2.68 1.64
CA GLY A 69 -15.59 3.19 0.93
C GLY A 69 -14.47 2.17 1.00
N THR A 70 -13.50 2.27 0.10
CA THR A 70 -12.40 1.30 0.08
C THR A 70 -11.06 1.93 -0.30
N ILE A 71 -9.97 1.31 0.20
CA ILE A 71 -8.60 1.63 -0.21
C ILE A 71 -7.98 0.46 -1.04
N ALA A 72 -8.84 -0.46 -1.49
CA ALA A 72 -8.38 -1.48 -2.43
C ALA A 72 -7.95 -0.86 -3.77
N ASN A 73 -6.89 -1.42 -4.38
CA ASN A 73 -6.45 -0.99 -5.70
C ASN A 73 -6.33 0.52 -5.89
N GLY A 74 -5.85 1.20 -4.86
CA GLY A 74 -5.63 2.63 -4.96
C GLY A 74 -6.85 3.51 -4.81
N ALA A 75 -8.03 2.91 -4.58
CA ALA A 75 -9.27 3.69 -4.41
C ALA A 75 -9.17 4.66 -3.21
N THR A 76 -9.90 5.77 -3.29
CA THR A 76 -9.92 6.82 -2.26
C THR A 76 -8.61 7.58 -2.18
N ILE A 77 -7.55 6.91 -1.80
CA ILE A 77 -6.27 7.59 -1.67
C ILE A 77 -5.79 8.24 -3.00
N THR A 78 -6.07 7.60 -4.14
CA THR A 78 -5.66 8.21 -5.42
C THR A 78 -6.57 9.37 -5.76
N GLU A 79 -7.88 9.14 -5.66
CA GLU A 79 -8.88 10.17 -5.99
C GLU A 79 -8.68 11.44 -5.16
N MET A 80 -8.34 11.29 -3.88
CA MET A 80 -8.22 12.46 -3.02
C MET A 80 -6.95 13.28 -3.28
N VAL A 81 -5.89 12.62 -3.72
CA VAL A 81 -4.66 13.32 -4.05
C VAL A 81 -4.92 14.07 -5.35
N PHE A 82 -5.56 13.37 -6.29
CA PHE A 82 -5.91 13.97 -7.58
C PHE A 82 -6.81 15.18 -7.42
N LEU A 83 -7.87 15.06 -6.62
CA LEU A 83 -8.80 16.17 -6.48
C LEU A 83 -8.20 17.34 -5.72
N ALA A 84 -7.31 17.02 -4.77
CA ALA A 84 -6.54 18.03 -4.05
C ALA A 84 -5.69 18.85 -5.01
N GLU A 85 -5.03 18.19 -5.96
CA GLU A 85 -4.28 18.89 -7.01
C GLU A 85 -5.23 19.73 -7.85
N VAL A 86 -6.37 19.15 -8.24
CA VAL A 86 -7.28 19.90 -9.09
C VAL A 86 -7.74 21.13 -8.35
N TYR A 87 -8.05 20.98 -7.06
CA TYR A 87 -8.46 22.13 -6.27
C TYR A 87 -7.35 23.19 -6.22
N LYS A 88 -6.13 22.74 -5.97
CA LYS A 88 -4.97 23.63 -5.98
C LYS A 88 -4.90 24.40 -7.31
N SER A 89 -5.06 23.70 -8.41
CA SER A 89 -4.88 24.27 -9.75
C SER A 89 -6.01 25.19 -10.16
N GLY A 90 -7.25 24.80 -9.83
CA GLY A 90 -8.43 25.44 -10.38
C GLY A 90 -9.25 26.27 -9.43
N GLY A 91 -9.21 25.94 -8.14
CA GLY A 91 -9.88 26.75 -7.12
C GLY A 91 -11.32 26.40 -6.80
N ASN A 92 -11.85 25.36 -7.41
CA ASN A 92 -13.27 25.07 -7.24
C ASN A 92 -13.53 24.31 -5.94
N THR A 93 -14.28 24.92 -5.03
CA THR A 93 -14.40 24.40 -3.65
C THR A 93 -15.06 23.02 -3.51
N LYS A 94 -15.88 22.61 -4.48
CA LYS A 94 -16.53 21.30 -4.39
C LYS A 94 -15.47 20.19 -4.34
N TYR A 95 -14.33 20.43 -4.99
CA TYR A 95 -13.17 19.52 -4.93
C TYR A 95 -12.45 19.57 -3.57
N ARG A 96 -12.36 20.77 -2.97
CA ARG A 96 -11.85 20.91 -1.61
C ARG A 96 -12.74 20.13 -0.63
N ASP A 97 -14.06 20.26 -0.78
CA ASP A 97 -14.99 19.57 0.10
C ASP A 97 -14.85 18.06 -0.02
N ALA A 98 -14.72 17.56 -1.26
CA ALA A 98 -14.50 16.14 -1.53
C ALA A 98 -13.25 15.57 -0.82
N VAL A 99 -12.18 16.33 -0.88
CA VAL A 99 -10.90 15.97 -0.26
C VAL A 99 -11.02 15.91 1.26
N ARG A 100 -11.68 16.92 1.82
CA ARG A 100 -12.00 16.96 3.23
C ARG A 100 -12.79 15.70 3.70
N LYS A 101 -13.78 15.27 2.90
CA LYS A 101 -14.57 14.10 3.26
C LYS A 101 -13.75 12.80 3.12
N ALA A 102 -12.89 12.74 2.11
CA ALA A 102 -11.96 11.61 1.94
C ALA A 102 -11.04 11.45 3.15
N ALA A 103 -10.42 12.54 3.59
CA ALA A 103 -9.54 12.47 4.79
C ALA A 103 -10.35 12.13 6.05
N ASN A 104 -11.54 12.72 6.20
CA ASN A 104 -12.41 12.37 7.32
C ASN A 104 -12.70 10.87 7.26
N PHE A 105 -13.00 10.39 6.05
CA PHE A 105 -13.28 8.98 5.84
C PHE A 105 -12.13 8.11 6.33
N LEU A 106 -10.90 8.48 5.95
CA LEU A 106 -9.71 7.72 6.28
C LEU A 106 -9.49 7.65 7.78
N VAL A 107 -9.59 8.79 8.46
CA VAL A 107 -9.39 8.81 9.91
C VAL A 107 -10.52 8.07 10.65
N ASN A 108 -11.77 8.24 10.22
CA ASN A 108 -12.89 7.49 10.81
C ASN A 108 -12.66 5.96 10.69
N SER A 109 -12.11 5.50 9.56
CA SER A 109 -11.93 4.07 9.31
C SER A 109 -10.92 3.46 10.30
N GLN A 110 -10.06 4.30 10.88
CA GLN A 110 -8.93 3.83 11.70
C GLN A 110 -9.33 3.23 13.06
N TYR A 111 -8.85 2.01 13.31
CA TYR A 111 -9.03 1.36 14.61
C TYR A 111 -8.20 2.06 15.67
N SER A 112 -8.52 1.81 16.93
CA SER A 112 -7.79 2.38 18.06
C SER A 112 -6.30 2.02 18.01
N THR A 113 -5.99 0.86 17.41
CA THR A 113 -4.62 0.39 17.27
C THR A 113 -3.84 1.09 16.15
N GLY A 114 -4.53 1.83 15.28
CA GLY A 114 -3.87 2.53 14.18
C GLY A 114 -4.06 1.87 12.84
N ALA A 115 -4.63 0.67 12.87
CA ALA A 115 -4.88 -0.12 11.69
C ALA A 115 -5.94 0.47 10.78
N LEU A 116 -5.70 0.33 9.47
CA LEU A 116 -6.67 0.73 8.47
C LEU A 116 -7.24 -0.47 7.73
N PRO A 117 -8.58 -0.57 7.73
CA PRO A 117 -9.29 -1.65 7.06
C PRO A 117 -9.33 -1.37 5.58
N GLN A 118 -9.62 -2.40 4.78
CA GLN A 118 -9.74 -2.25 3.33
C GLN A 118 -11.07 -1.64 2.94
N PHE A 119 -12.15 -2.03 3.63
CA PHE A 119 -13.46 -1.44 3.40
C PHE A 119 -13.99 -0.83 4.70
N TYR A 120 -14.69 0.29 4.57
CA TYR A 120 -15.29 0.98 5.72
C TYR A 120 -16.50 1.78 5.27
N PRO A 121 -17.64 1.69 5.98
CA PRO A 121 -17.86 0.80 7.13
C PRO A 121 -17.49 -0.65 6.90
N LEU A 122 -17.09 -1.30 7.98
CA LEU A 122 -16.62 -2.69 7.96
C LEU A 122 -17.67 -3.63 7.37
N LYS A 123 -17.20 -4.57 6.56
CA LYS A 123 -18.10 -5.47 5.82
C LYS A 123 -18.02 -6.90 6.32
N GLY A 124 -17.10 -7.18 7.23
CA GLY A 124 -16.86 -8.53 7.70
C GLY A 124 -15.84 -9.26 6.85
N GLY A 125 -15.27 -10.34 7.39
CA GLY A 125 -14.26 -11.12 6.69
C GLY A 125 -12.94 -10.39 6.53
N TYR A 126 -12.07 -10.87 5.62
CA TYR A 126 -10.70 -10.34 5.54
C TYR A 126 -10.58 -8.81 5.31
N SER A 127 -11.60 -8.18 4.72
CA SER A 127 -11.56 -6.74 4.44
C SER A 127 -11.44 -5.89 5.70
N ASP A 128 -11.78 -6.49 6.84
CA ASP A 128 -11.73 -5.83 8.14
C ASP A 128 -10.30 -5.64 8.64
N HIS A 129 -9.42 -6.50 8.18
CA HIS A 129 -8.04 -6.54 8.67
C HIS A 129 -7.29 -5.26 8.34
N ALA A 130 -6.17 -5.07 9.01
CA ALA A 130 -5.22 -4.03 8.64
C ALA A 130 -4.70 -4.40 7.25
N THR A 131 -4.95 -3.54 6.27
CA THR A 131 -4.69 -3.94 4.88
C THR A 131 -3.54 -3.22 4.19
N PHE A 132 -2.36 -3.83 4.19
CA PHE A 132 -1.24 -3.31 3.39
C PHE A 132 -1.35 -3.65 1.91
N ASN A 133 -2.16 -4.67 1.59
CA ASN A 133 -2.44 -5.10 0.19
C ASN A 133 -2.71 -3.92 -0.73
N ASP A 134 -2.08 -3.89 -1.90
CA ASP A 134 -2.17 -2.77 -2.86
C ASP A 134 -1.66 -1.43 -2.27
N ASN A 135 -0.70 -1.50 -1.36
CA ASN A 135 -0.18 -0.29 -0.73
C ASN A 135 -1.29 0.51 -0.04
N GLY A 136 -2.44 -0.14 0.21
CA GLY A 136 -3.53 0.47 0.95
C GLY A 136 -3.09 1.26 2.17
N MET A 137 -2.75 0.57 3.26
CA MET A 137 -2.47 1.28 4.53
C MET A 137 -1.25 2.18 4.50
N ALA A 138 -0.18 1.71 3.85
CA ALA A 138 1.06 2.50 3.82
C ALA A 138 0.83 3.81 3.07
N TYR A 139 0.18 3.74 1.90
CA TYR A 139 -0.09 4.93 1.09
C TYR A 139 -1.20 5.83 1.63
N ALA A 140 -2.15 5.25 2.36
CA ALA A 140 -3.16 6.06 3.04
C ALA A 140 -2.44 6.91 4.09
N LEU A 141 -1.56 6.28 4.86
CA LEU A 141 -0.78 6.99 5.88
C LEU A 141 0.18 8.00 5.24
N THR A 142 0.72 7.70 4.06
CA THR A 142 1.55 8.66 3.37
C THR A 142 0.72 9.88 2.99
N VAL A 143 -0.51 9.65 2.54
CA VAL A 143 -1.39 10.77 2.19
C VAL A 143 -1.66 11.63 3.42
N LEU A 144 -2.10 10.97 4.49
CA LEU A 144 -2.42 11.70 5.72
C LEU A 144 -1.20 12.44 6.27
N ASP A 145 -0.01 11.86 6.09
CA ASP A 145 1.24 12.48 6.55
C ASP A 145 1.58 13.75 5.76
N PHE A 146 1.41 13.70 4.43
CA PHE A 146 1.61 14.84 3.56
C PHE A 146 0.61 15.93 3.93
N ALA A 147 -0.63 15.53 4.21
CA ALA A 147 -1.66 16.47 4.60
C ALA A 147 -1.31 17.09 5.96
N ALA A 148 -0.83 16.25 6.89
CA ALA A 148 -0.41 16.68 8.22
C ALA A 148 0.72 17.72 8.16
N ASN A 149 1.59 17.56 7.18
CA ASN A 149 2.79 18.39 7.04
C ASN A 149 2.71 19.52 6.01
N LYS A 150 1.50 19.84 5.53
CA LYS A 150 1.30 20.93 4.57
C LYS A 150 2.06 20.73 3.26
N ARG A 151 2.37 19.49 2.90
CA ARG A 151 3.07 19.22 1.63
C ARG A 151 2.08 19.26 0.49
N ALA A 152 2.54 19.68 -0.69
CA ALA A 152 1.69 19.76 -1.88
C ALA A 152 1.11 18.36 -2.19
N PRO A 153 -0.13 18.27 -2.67
CA PRO A 153 -0.97 19.42 -3.01
C PRO A 153 -1.81 19.90 -1.83
N PHE A 154 -1.42 19.56 -0.61
CA PHE A 154 -2.22 19.89 0.58
C PHE A 154 -1.82 21.21 1.24
N ASP A 155 -1.04 21.99 0.51
CA ASP A 155 -0.59 23.29 0.99
C ASP A 155 -1.53 24.40 0.53
N THR A 156 -2.83 24.16 0.65
CA THR A 156 -3.84 25.16 0.39
C THR A 156 -4.62 25.41 1.69
N ASP A 157 -5.83 25.91 1.54
CA ASP A 157 -6.70 26.09 2.68
C ASP A 157 -7.58 24.84 2.87
N VAL A 158 -7.23 23.73 2.23
CA VAL A 158 -8.13 22.56 2.26
C VAL A 158 -8.30 22.07 3.69
N PHE A 159 -7.25 22.24 4.48
CA PHE A 159 -7.23 21.78 5.85
C PHE A 159 -6.85 22.87 6.81
N SER A 160 -7.38 22.76 8.03
CA SER A 160 -7.05 23.64 9.12
C SER A 160 -5.96 23.02 10.00
N ASP A 161 -5.41 23.85 10.89
CA ASP A 161 -4.47 23.43 11.92
C ASP A 161 -4.99 22.22 12.70
N ASN A 162 -6.26 22.26 13.09
CA ASN A 162 -6.83 21.15 13.82
C ASN A 162 -7.00 19.85 13.05
N ASP A 163 -7.34 19.98 11.76
CA ASP A 163 -7.29 18.85 10.83
C ASP A 163 -5.91 18.22 10.82
N ARG A 164 -4.86 19.05 10.67
CA ARG A 164 -3.49 18.57 10.62
C ARG A 164 -3.04 17.81 11.86
N THR A 165 -3.49 18.27 13.02
CA THR A 165 -3.28 17.62 14.31
C THR A 165 -4.01 16.29 14.34
N ARG A 166 -5.25 16.30 13.85
CA ARG A 166 -5.99 15.05 13.66
C ARG A 166 -5.19 14.05 12.80
N PHE A 167 -4.63 14.50 11.69
CA PHE A 167 -3.90 13.60 10.79
C PHE A 167 -2.59 13.14 11.38
N LYS A 168 -1.87 14.06 12.02
CA LYS A 168 -0.64 13.71 12.70
C LYS A 168 -0.89 12.59 13.71
N THR A 169 -1.95 12.74 14.52
CA THR A 169 -2.36 11.68 15.43
C THR A 169 -2.62 10.39 14.66
N ALA A 170 -3.32 10.47 13.54
CA ALA A 170 -3.57 9.25 12.75
C ALA A 170 -2.29 8.57 12.26
N VAL A 171 -1.35 9.36 11.76
CA VAL A 171 -0.10 8.86 11.20
C VAL A 171 0.73 8.19 12.30
N THR A 172 0.73 8.81 13.47
CA THR A 172 1.44 8.28 14.62
C THR A 172 0.91 6.90 15.01
N LYS A 173 -0.41 6.79 15.11
CA LYS A 173 -1.03 5.52 15.46
C LYS A 173 -0.75 4.47 14.39
N GLY A 174 -0.86 4.84 13.11
CA GLY A 174 -0.53 3.93 12.02
C GLY A 174 0.93 3.49 12.01
N THR A 175 1.82 4.39 12.40
CA THR A 175 3.24 4.09 12.48
C THR A 175 3.41 3.04 13.59
N ASP A 176 2.72 3.27 14.70
CA ASP A 176 2.78 2.39 15.86
C ASP A 176 2.27 1.01 15.50
N TYR A 177 1.22 0.95 14.70
CA TYR A 177 0.72 -0.33 14.23
C TYR A 177 1.77 -1.10 13.38
N ILE A 178 2.36 -0.41 12.42
CA ILE A 178 3.34 -1.00 11.53
C ILE A 178 4.49 -1.60 12.35
N LEU A 179 4.97 -0.83 13.33
CA LEU A 179 6.14 -1.25 14.11
C LEU A 179 5.82 -2.50 14.93
N LYS A 180 4.65 -2.53 15.57
CA LYS A 180 4.20 -3.69 16.32
C LYS A 180 3.84 -4.87 15.46
N ALA A 181 3.40 -4.64 14.22
CA ALA A 181 3.03 -5.77 13.37
C ALA A 181 4.22 -6.42 12.64
N GLN A 182 5.34 -5.70 12.58
CA GLN A 182 6.48 -6.19 11.86
C GLN A 182 6.85 -7.56 12.40
N TRP A 183 7.09 -8.51 11.52
CA TRP A 183 7.22 -9.90 11.92
C TRP A 183 8.62 -10.31 12.37
N LYS A 184 8.66 -11.00 13.50
CA LYS A 184 9.92 -11.55 14.00
C LYS A 184 10.06 -13.01 13.56
N GLN A 185 10.97 -13.23 12.64
CA GLN A 185 11.23 -14.54 12.08
C GLN A 185 12.27 -15.16 12.98
N ASN A 186 11.85 -16.11 13.82
CA ASN A 186 12.77 -16.78 14.74
C ASN A 186 13.72 -15.77 15.41
N GLY A 187 13.13 -14.67 15.90
CA GLY A 187 13.88 -13.65 16.62
C GLY A 187 14.47 -12.52 15.77
N VAL A 188 14.37 -12.63 14.44
CA VAL A 188 14.92 -11.62 13.54
C VAL A 188 13.77 -10.79 12.92
N LEU A 189 13.80 -9.48 13.15
CA LEU A 189 12.83 -8.55 12.55
C LEU A 189 12.93 -8.62 11.03
N THR A 190 11.77 -8.75 10.38
CA THR A 190 11.77 -8.87 8.92
C THR A 190 10.84 -7.85 8.28
N VAL A 191 9.75 -8.33 7.69
CA VAL A 191 8.78 -7.43 7.05
C VAL A 191 7.31 -7.67 7.52
N TRP A 192 6.37 -7.54 6.59
CA TRP A 192 4.94 -7.60 6.89
C TRP A 192 4.20 -8.54 5.96
N CYS A 193 3.07 -9.05 6.46
CA CYS A 193 2.11 -9.72 5.62
C CYS A 193 1.30 -8.68 4.87
N ALA A 194 0.65 -9.08 3.78
CA ALA A 194 -0.22 -8.16 3.05
C ALA A 194 -1.43 -7.76 3.89
N GLN A 195 -1.74 -8.56 4.91
CA GLN A 195 -2.78 -8.18 5.86
C GLN A 195 -2.53 -8.77 7.24
N HIS A 196 -2.81 -7.97 8.28
CA HIS A 196 -2.63 -8.38 9.66
C HIS A 196 -3.93 -8.13 10.42
N GLY A 197 -4.12 -8.85 11.54
CA GLY A 197 -5.27 -8.61 12.38
C GLY A 197 -5.20 -7.18 12.91
N ALA A 198 -6.31 -6.47 12.85
CA ALA A 198 -6.41 -5.09 13.34
C ALA A 198 -6.20 -4.98 14.84
N LEU A 199 -6.63 -6.01 15.56
CA LEU A 199 -6.49 -6.02 17.01
C LEU A 199 -5.38 -6.94 17.54
N ASP A 200 -5.11 -8.03 16.83
CA ASP A 200 -4.12 -9.02 17.31
C ASP A 200 -2.76 -8.89 16.62
N TYR A 201 -2.69 -8.08 15.55
CA TYR A 201 -1.42 -7.85 14.85
C TYR A 201 -0.89 -9.07 14.09
N GLN A 202 -1.57 -10.21 14.17
CA GLN A 202 -1.06 -11.42 13.53
C GLN A 202 -1.27 -11.39 12.01
N PRO A 203 -0.37 -12.01 11.25
CA PRO A 203 -0.61 -12.22 9.82
C PRO A 203 -1.91 -12.98 9.60
N LYS A 204 -2.64 -12.58 8.55
CA LYS A 204 -3.96 -13.10 8.22
C LYS A 204 -4.00 -13.44 6.74
N LYS A 205 -4.89 -14.36 6.36
CA LYS A 205 -5.18 -14.59 4.95
C LYS A 205 -6.09 -13.47 4.44
N ALA A 206 -6.22 -13.39 3.12
CA ALA A 206 -7.23 -12.57 2.44
C ALA A 206 -8.08 -13.46 1.53
N ARG A 207 -8.00 -13.20 0.24
CA ARG A 207 -8.64 -14.08 -0.73
C ARG A 207 -7.96 -15.46 -0.67
N ALA A 208 -8.64 -16.47 -1.19
CA ALA A 208 -8.23 -17.88 -1.02
C ALA A 208 -6.77 -18.18 -1.33
N TYR A 209 -6.23 -17.45 -2.29
CA TYR A 209 -4.88 -17.65 -2.79
C TYR A 209 -3.90 -16.65 -2.17
N GLU A 210 -4.35 -15.96 -1.11
CA GLU A 210 -3.52 -14.99 -0.38
C GLU A 210 -3.36 -15.47 1.07
N LEU A 211 -2.31 -16.23 1.33
CA LEU A 211 -2.13 -16.85 2.65
C LEU A 211 -1.23 -16.03 3.59
N GLU A 212 -1.19 -16.41 4.87
CA GLU A 212 -0.29 -15.79 5.86
C GLU A 212 1.13 -16.02 5.40
N SER A 213 1.95 -14.99 5.49
CA SER A 213 3.22 -14.96 4.77
C SER A 213 3.84 -13.59 4.93
N LEU A 214 5.13 -13.47 4.62
CA LEU A 214 5.73 -12.17 4.37
C LEU A 214 5.35 -11.72 2.94
N SER A 215 4.96 -10.46 2.77
CA SER A 215 4.62 -9.97 1.42
C SER A 215 5.88 -9.39 0.80
N GLY A 216 6.37 -10.03 -0.26
CA GLY A 216 7.45 -9.44 -1.04
C GLY A 216 6.98 -8.14 -1.71
N SER A 217 5.68 -8.04 -1.99
CA SER A 217 5.10 -6.88 -2.71
C SER A 217 4.88 -5.68 -1.80
N GLU A 218 4.05 -5.84 -0.76
CA GLU A 218 3.60 -4.69 0.03
C GLU A 218 4.61 -4.13 1.04
N SER A 219 5.61 -4.92 1.39
CA SER A 219 6.61 -4.49 2.36
C SER A 219 7.45 -3.32 1.86
N VAL A 220 7.57 -3.20 0.54
CA VAL A 220 8.30 -2.08 -0.07
C VAL A 220 7.65 -0.78 0.38
N GLY A 221 6.33 -0.69 0.14
CA GLY A 221 5.56 0.50 0.45
C GLY A 221 5.56 0.84 1.93
N VAL A 222 5.49 -0.19 2.80
CA VAL A 222 5.53 -0.02 4.24
C VAL A 222 6.87 0.64 4.64
N LEU A 223 7.97 0.07 4.13
CA LEU A 223 9.29 0.65 4.37
C LEU A 223 9.40 2.06 3.85
N ALA A 224 8.84 2.29 2.65
CA ALA A 224 8.86 3.63 2.08
C ALA A 224 8.16 4.62 3.00
N PHE A 225 7.00 4.20 3.51
CA PHE A 225 6.25 5.06 4.38
C PHE A 225 7.05 5.34 5.65
N LEU A 226 7.65 4.30 6.23
CA LEU A 226 8.47 4.51 7.45
C LEU A 226 9.63 5.49 7.17
N MET A 227 10.16 5.44 5.97
CA MET A 227 11.26 6.31 5.60
C MET A 227 10.86 7.79 5.40
N THR A 228 9.56 8.07 5.36
CA THR A 228 9.07 9.46 5.38
C THR A 228 8.92 9.99 6.79
N GLN A 229 8.98 9.09 7.75
CA GLN A 229 8.81 9.45 9.16
C GLN A 229 10.13 9.81 9.80
N PRO A 230 10.12 10.61 10.88
CA PRO A 230 11.36 10.92 11.59
C PRO A 230 12.00 9.63 12.05
N GLN A 231 13.29 9.51 11.82
CA GLN A 231 13.97 8.26 11.99
C GLN A 231 14.45 8.03 13.42
N THR A 232 13.51 7.78 14.33
CA THR A 232 13.84 7.35 15.69
C THR A 232 14.71 6.08 15.66
N ALA A 233 15.37 5.78 16.77
CA ALA A 233 16.13 4.52 16.89
C ALA A 233 15.34 3.29 16.46
N GLU A 234 14.11 3.16 16.94
CA GLU A 234 13.37 1.94 16.64
C GLU A 234 12.82 1.92 15.20
N ILE A 235 12.59 3.10 14.60
CA ILE A 235 12.20 3.20 13.19
C ILE A 235 13.37 2.92 12.23
N GLU A 236 14.53 3.52 12.49
CA GLU A 236 15.74 3.15 11.76
C GLU A 236 16.05 1.64 11.87
N GLN A 237 15.93 1.05 13.07
CA GLN A 237 16.14 -0.41 13.18
C GLN A 237 15.17 -1.23 12.28
N ALA A 238 13.90 -0.85 12.31
CA ALA A 238 12.84 -1.48 11.51
C ALA A 238 13.06 -1.35 10.00
N VAL A 239 13.48 -0.16 9.58
CA VAL A 239 13.78 0.06 8.17
C VAL A 239 15.04 -0.71 7.81
N ARG A 240 16.09 -0.58 8.60
CA ARG A 240 17.30 -1.40 8.35
C ARG A 240 16.98 -2.91 8.26
N ALA A 241 16.24 -3.41 9.24
CA ALA A 241 15.91 -4.84 9.28
C ALA A 241 15.08 -5.26 8.04
N GLY A 242 14.09 -4.44 7.67
CA GLY A 242 13.28 -4.66 6.49
C GLY A 242 14.09 -4.65 5.20
N VAL A 243 14.97 -3.67 5.08
CA VAL A 243 15.84 -3.53 3.93
C VAL A 243 16.83 -4.70 3.87
N ALA A 244 17.38 -5.11 5.02
CA ALA A 244 18.31 -6.25 5.04
C ALA A 244 17.61 -7.48 4.52
N TRP A 245 16.33 -7.65 4.88
CA TRP A 245 15.55 -8.80 4.46
C TRP A 245 15.37 -8.82 2.94
N PHE A 246 15.03 -7.68 2.35
CA PHE A 246 14.86 -7.59 0.90
C PHE A 246 16.17 -7.86 0.18
N ASN A 247 17.26 -7.50 0.82
CA ASN A 247 18.58 -7.56 0.19
C ASN A 247 19.39 -8.81 0.59
N SER A 248 18.69 -9.86 1.06
CA SER A 248 19.35 -11.06 1.53
C SER A 248 19.19 -12.21 0.51
N PRO A 249 20.29 -12.94 0.25
CA PRO A 249 20.24 -14.10 -0.66
C PRO A 249 19.27 -15.22 -0.20
N ARG A 250 18.74 -15.08 1.02
CA ARG A 250 17.76 -16.02 1.58
C ARG A 250 16.35 -15.56 1.24
N THR A 251 16.28 -14.42 0.57
CA THR A 251 15.01 -13.85 0.25
C THR A 251 14.87 -13.79 -1.25
N TYR A 252 15.84 -13.21 -1.93
CA TYR A 252 15.69 -13.05 -3.36
C TYR A 252 16.29 -14.23 -4.07
N LEU A 253 15.71 -14.53 -5.23
CA LEU A 253 16.23 -15.50 -6.19
C LEU A 253 17.32 -14.80 -7.03
N GLU A 254 18.48 -15.42 -7.19
CA GLU A 254 19.60 -14.84 -7.95
C GLU A 254 19.73 -15.46 -9.33
N GLY A 255 19.95 -14.63 -10.34
CA GLY A 255 19.97 -15.09 -11.71
C GLY A 255 18.60 -15.44 -12.26
N TYR A 256 17.57 -14.74 -11.80
CA TYR A 256 16.20 -15.00 -12.22
C TYR A 256 15.39 -13.69 -12.34
N THR A 257 14.31 -13.74 -13.13
CA THR A 257 13.38 -12.62 -13.20
C THR A 257 11.94 -13.15 -13.34
N TYR A 258 10.95 -12.30 -13.08
CA TYR A 258 9.56 -12.71 -13.27
C TYR A 258 9.08 -12.09 -14.55
N ASP A 259 8.64 -12.93 -15.46
CA ASP A 259 8.20 -12.43 -16.77
C ASP A 259 6.75 -12.85 -16.95
N SER A 260 5.83 -11.91 -16.66
CA SER A 260 4.39 -12.17 -16.67
C SER A 260 3.85 -12.67 -18.02
N SER A 261 4.54 -12.35 -19.10
CA SER A 261 4.13 -12.80 -20.43
C SER A 261 4.40 -14.29 -20.65
N LEU A 262 5.15 -14.92 -19.73
CA LEU A 262 5.46 -16.34 -19.79
C LEU A 262 4.68 -17.15 -18.75
N ALA A 263 3.63 -16.55 -18.21
CA ALA A 263 2.83 -17.18 -17.14
C ALA A 263 1.99 -18.41 -17.60
N ALA A 264 1.84 -18.61 -18.90
CA ALA A 264 1.07 -19.76 -19.40
C ALA A 264 1.61 -21.03 -18.77
N THR A 265 2.93 -21.10 -18.68
CA THR A 265 3.52 -22.30 -18.10
C THR A 265 4.38 -21.98 -16.88
N ASN A 266 5.28 -21.02 -17.03
CA ASN A 266 6.14 -20.65 -15.92
C ASN A 266 6.75 -19.26 -16.10
N PRO A 267 6.24 -18.31 -15.32
CA PRO A 267 6.72 -16.91 -15.41
C PRO A 267 8.07 -16.68 -14.71
N ILE A 268 8.58 -17.70 -14.00
CA ILE A 268 9.86 -17.57 -13.29
C ILE A 268 11.02 -18.11 -14.15
N VAL A 269 11.75 -17.20 -14.79
CA VAL A 269 12.81 -17.60 -15.74
C VAL A 269 14.23 -17.13 -15.43
N PRO A 270 15.22 -18.00 -15.72
CA PRO A 270 16.64 -17.65 -15.59
C PRO A 270 16.98 -16.36 -16.32
N ARG A 271 17.63 -15.42 -15.64
CA ARG A 271 17.97 -14.13 -16.22
C ARG A 271 19.25 -13.57 -15.56
N ALA A 272 20.33 -13.56 -16.34
CA ALA A 272 21.62 -13.04 -15.88
C ALA A 272 21.54 -11.59 -15.41
N GLY A 273 22.26 -11.26 -14.34
CA GLY A 273 22.31 -9.91 -13.83
C GLY A 273 21.03 -9.45 -13.15
N SER A 274 20.15 -10.40 -12.84
CA SER A 274 18.83 -10.13 -12.30
C SER A 274 18.51 -10.84 -10.97
N LYS A 275 17.72 -10.16 -10.14
CA LYS A 275 17.16 -10.76 -8.91
C LYS A 275 15.65 -10.83 -8.99
N MET A 276 15.08 -11.87 -8.38
CA MET A 276 13.63 -11.95 -8.24
C MET A 276 13.18 -12.09 -6.79
N TRP A 277 12.08 -11.40 -6.48
CA TRP A 277 11.45 -11.58 -5.17
C TRP A 277 10.11 -12.27 -5.34
N TYR A 278 9.81 -13.19 -4.43
CA TYR A 278 8.52 -13.85 -4.41
C TYR A 278 7.47 -12.91 -3.89
N ARG A 279 6.22 -13.12 -4.34
CA ARG A 279 5.06 -12.41 -3.81
C ARG A 279 4.79 -12.76 -2.36
N PHE A 280 4.94 -14.04 -2.02
CA PHE A 280 4.65 -14.59 -0.69
C PHE A 280 5.83 -15.42 -0.18
N TYR A 281 6.31 -15.13 1.02
CA TYR A 281 7.36 -15.91 1.65
C TYR A 281 6.82 -16.56 2.91
N ASP A 282 7.24 -17.79 3.21
CA ASP A 282 6.86 -18.46 4.46
C ASP A 282 7.34 -17.67 5.67
N LEU A 283 6.43 -17.44 6.62
CA LEU A 283 6.71 -16.69 7.84
C LEU A 283 7.92 -17.18 8.62
N ASN A 284 8.11 -18.50 8.62
CA ASN A 284 9.11 -19.14 9.44
C ASN A 284 10.37 -19.58 8.70
N THR A 285 10.23 -20.05 7.46
CA THR A 285 11.37 -20.57 6.70
C THR A 285 11.89 -19.62 5.65
N ASN A 286 11.15 -18.52 5.40
CA ASN A 286 11.45 -17.60 4.32
C ASN A 286 11.52 -18.26 2.94
N ARG A 287 10.86 -19.39 2.80
CA ARG A 287 10.70 -20.05 1.51
C ARG A 287 9.60 -19.36 0.68
N GLY A 288 9.92 -18.94 -0.55
CA GLY A 288 8.91 -18.39 -1.45
C GLY A 288 7.88 -19.47 -1.73
N PHE A 289 6.59 -19.11 -1.76
CA PHE A 289 5.55 -20.10 -2.07
C PHE A 289 4.41 -19.64 -2.95
N PHE A 290 3.56 -20.61 -3.29
CA PHE A 290 2.45 -20.39 -4.20
C PHE A 290 1.18 -20.95 -3.57
N SER A 291 0.05 -20.43 -4.02
CA SER A 291 -1.26 -20.88 -3.58
C SER A 291 -2.17 -20.94 -4.80
N ASP A 292 -3.47 -21.07 -4.59
CA ASP A 292 -4.45 -21.34 -5.66
C ASP A 292 -5.85 -21.10 -5.07
N ARG A 293 -6.91 -21.30 -5.84
CA ARG A 293 -8.24 -20.97 -5.29
C ARG A 293 -8.75 -21.97 -4.26
N ASP A 294 -8.01 -23.08 -4.06
CA ASP A 294 -8.38 -24.06 -3.04
C ASP A 294 -7.73 -23.76 -1.68
N GLY A 295 -7.00 -22.65 -1.61
CA GLY A 295 -6.30 -22.27 -0.40
C GLY A 295 -5.05 -23.07 -0.14
N SER A 296 -4.66 -23.92 -1.09
CA SER A 296 -3.48 -24.77 -0.91
C SER A 296 -2.17 -23.97 -0.92
N LYS A 297 -1.10 -24.60 -0.42
CA LYS A 297 0.23 -23.97 -0.39
C LYS A 297 1.27 -24.94 -0.96
N PHE A 298 2.03 -24.51 -1.96
CA PHE A 298 2.94 -25.41 -2.68
C PHE A 298 4.10 -24.59 -3.29
N TYR A 299 5.12 -25.29 -3.81
CA TYR A 299 6.39 -24.64 -4.13
C TYR A 299 6.84 -24.76 -5.60
N ASP A 300 5.91 -25.23 -6.44
CA ASP A 300 6.18 -25.43 -7.84
C ASP A 300 5.03 -24.77 -8.60
N ILE A 301 5.32 -23.61 -9.18
CA ILE A 301 4.29 -22.80 -9.83
C ILE A 301 3.60 -23.55 -10.96
N THR A 302 4.27 -24.54 -11.55
CA THR A 302 3.62 -25.34 -12.60
C THR A 302 2.45 -26.17 -12.10
N GLN A 303 2.40 -26.48 -10.81
CA GLN A 303 1.24 -27.21 -10.23
C GLN A 303 -0.01 -26.33 -10.05
N MET A 304 0.11 -25.02 -10.22
CA MET A 304 -0.99 -24.07 -10.03
C MET A 304 -1.98 -24.06 -11.21
N SER A 305 -3.26 -23.83 -10.93
CA SER A 305 -4.24 -23.63 -12.02
C SER A 305 -3.79 -22.53 -12.97
N LEU A 306 -4.01 -22.76 -14.27
CA LEU A 306 -3.71 -21.75 -15.30
C LEU A 306 -4.28 -20.36 -14.97
N GLU A 307 -5.51 -20.34 -14.45
CA GLU A 307 -6.21 -19.09 -14.22
C GLU A 307 -5.53 -18.24 -13.11
N ARG A 308 -4.99 -18.89 -12.09
CA ARG A 308 -4.31 -18.16 -11.03
C ARG A 308 -2.88 -17.80 -11.42
N ARG A 309 -2.21 -18.65 -12.20
CA ARG A 309 -0.82 -18.39 -12.60
C ARG A 309 -0.77 -17.17 -13.52
N THR A 310 -1.80 -17.01 -14.34
CA THR A 310 -1.88 -15.88 -15.27
C THR A 310 -2.65 -14.69 -14.70
N GLY A 311 -3.50 -14.94 -13.70
CA GLY A 311 -4.41 -13.96 -13.16
C GLY A 311 -3.89 -13.14 -12.00
N TYR A 312 -2.72 -13.55 -11.50
CA TYR A 312 -2.09 -12.91 -10.33
C TYR A 312 -0.58 -12.98 -10.46
N SER A 313 0.13 -12.00 -9.90
CA SER A 313 1.58 -11.97 -9.95
C SER A 313 2.19 -12.68 -8.74
N TRP A 314 2.95 -13.72 -9.02
CA TRP A 314 3.52 -14.58 -7.98
C TRP A 314 4.94 -14.19 -7.62
N GLY A 315 5.44 -13.14 -8.25
CA GLY A 315 6.78 -12.64 -8.02
C GLY A 315 7.06 -11.43 -8.88
N GLY A 316 8.19 -10.79 -8.64
CA GLY A 316 8.55 -9.55 -9.33
C GLY A 316 9.85 -8.92 -8.85
N ASN A 317 10.09 -7.69 -9.32
CA ASN A 317 11.32 -6.95 -9.06
C ASN A 317 11.14 -6.07 -7.84
N TYR A 318 10.28 -6.52 -6.93
CA TYR A 318 9.82 -5.73 -5.78
C TYR A 318 10.90 -4.96 -5.01
N GLY A 319 12.01 -5.63 -4.74
CA GLY A 319 13.04 -5.13 -3.85
C GLY A 319 13.89 -4.01 -4.44
N THR A 320 14.02 -3.99 -5.76
CA THR A 320 14.91 -3.05 -6.45
C THR A 320 14.79 -1.60 -5.93
N SER A 321 13.58 -1.07 -5.98
CA SER A 321 13.33 0.33 -5.64
C SER A 321 13.65 0.67 -4.17
N ILE A 322 13.34 -0.24 -3.24
CA ILE A 322 13.62 0.07 -1.83
C ILE A 322 15.10 -0.08 -1.49
N ILE A 323 15.76 -1.06 -2.11
CA ILE A 323 17.20 -1.27 -1.92
C ILE A 323 18.03 -0.08 -2.49
N ASN A 324 17.72 0.33 -3.72
CA ASN A 324 18.37 1.49 -4.32
C ASN A 324 18.12 2.75 -3.52
N PHE A 325 16.90 2.90 -3.02
CA PHE A 325 16.57 4.03 -2.16
C PHE A 325 17.36 4.02 -0.83
N ALA A 326 17.45 2.86 -0.20
CA ALA A 326 18.17 2.69 1.07
C ALA A 326 19.67 2.98 0.92
N GLN A 327 20.24 2.53 -0.20
CA GLN A 327 21.60 2.92 -0.61
C GLN A 327 21.75 4.44 -0.67
N LYS A 328 20.83 5.10 -1.36
CA LYS A 328 20.90 6.53 -1.62
C LYS A 328 21.01 7.33 -0.32
N VAL A 329 20.26 6.89 0.70
CA VAL A 329 20.18 7.58 1.98
C VAL A 329 21.16 7.03 3.03
N GLY A 330 21.97 6.06 2.64
CA GLY A 330 23.04 5.58 3.49
C GLY A 330 22.64 4.47 4.42
N TYR A 331 21.51 3.85 4.16
CA TYR A 331 21.10 2.67 4.91
C TYR A 331 21.72 1.43 4.26
C1 ADA B . -11.69 -9.72 -5.74
C2 ADA B . -11.85 -8.72 -6.90
C3 ADA B . -12.24 -9.33 -8.26
C4 ADA B . -11.60 -10.71 -8.57
C5 ADA B . -11.79 -11.59 -7.32
C6 ADA B . -11.08 -12.95 -7.64
O1 ADA B . -12.88 -9.89 -4.99
O2 ADA B . -12.78 -7.72 -6.54
O3 ADA B . -11.91 -8.41 -9.27
O4 ADA B . -10.17 -10.63 -8.76
O5 ADA B . -11.20 -10.98 -6.18
O6B ADA B . -10.92 -13.30 -8.82
O6A ADA B . -10.69 -13.66 -6.73
C1 ADA B . -9.39 -10.12 -9.89
C2 ADA B . -8.23 -11.11 -10.20
C3 ADA B . -7.09 -11.07 -9.15
C4 ADA B . -6.61 -9.62 -8.90
C5 ADA B . -7.91 -8.90 -8.47
C6 ADA B . -7.61 -7.50 -7.92
O2 ADA B . -8.69 -12.43 -10.40
O3 ADA B . -6.02 -11.98 -9.49
O4 ADA B . -6.06 -9.17 -10.17
O5 ADA B . -8.79 -8.87 -9.60
O6B ADA B . -7.00 -7.39 -6.85
O6A ADA B . -7.98 -6.52 -8.54
C1 ADA B . -5.30 -7.92 -10.22
C2 ADA B . -4.74 -7.67 -11.64
C3 ADA B . -3.67 -8.74 -11.96
C4 ADA B . -2.55 -8.71 -10.91
C5 ADA B . -3.23 -8.94 -9.54
C6 ADA B . -2.18 -8.94 -8.43
O2 ADA B . -5.77 -7.69 -12.62
O3 ADA B . -3.17 -8.65 -13.29
O4 ADA B . -1.95 -7.43 -10.99
O5 ADA B . -4.22 -7.93 -9.32
O6B ADA B . -1.18 -9.65 -8.57
O6A ADA B . -2.38 -8.26 -7.41
CA CA C . -4.52 -6.48 -6.36
#